data_1R00
#
_entry.id   1R00
#
_cell.length_a   63.120
_cell.length_b   92.130
_cell.length_c   115.330
_cell.angle_alpha   90.00
_cell.angle_beta   90.00
_cell.angle_gamma   90.00
#
_symmetry.space_group_name_H-M   'C 2 2 21'
#
loop_
_entity.id
_entity.type
_entity.pdbx_description
1 polymer aclacinomycin-10-hydroxylase
2 non-polymer 'ACETATE ION'
3 non-polymer S-ADENOSYL-L-HOMOCYSTEINE
4 water water
#
_entity_poly.entity_id   1
_entity_poly.type   'polypeptide(L)'
_entity_poly.pdbx_seq_one_letter_code
;MSSSSPGEPLEPTDQDLDVLLKNLGNLVTPMALRVAATLRLVDHLLAGADTLAGLADRTDTHPQALSRLVRHLTVVGVLE
GGEKQGRPLRPTRLGMLLADGHPAQQRAWLDLNGAVSHADLAFTGLLDVVRTGRPAYAGRYGRPFWEDLSADVALADSFD
ALMSCDEDLAYEAPADAYDWSAVRHVLDVGGGNGGMLAAIALRAPHLRGTLVELAGPAERARRRFADAGLADRVTVAEGD
FFKPLPVTADVVLLSFVLLNWSDEDALTILRGCVRALEPGGRLLVLDRADVEGDGADRFFSTLLDLRMLTFMGGRVRTRD
EVVDLAGSAGLALASERTSGSTTLPFDFSILEFTAVSEEAAPAAQASEALPAQE
;
_entity_poly.pdbx_strand_id   A
#
loop_
_chem_comp.id
_chem_comp.type
_chem_comp.name
_chem_comp.formula
ACT non-polymer 'ACETATE ION' 'C2 H3 O2 -1'
#
# COMPACT_ATOMS: atom_id res chain seq x y z
N LEU A 10 16.07 -26.21 26.21
CA LEU A 10 16.90 -25.36 25.34
C LEU A 10 17.36 -24.12 26.11
N GLU A 11 18.59 -23.68 25.86
CA GLU A 11 19.24 -22.68 26.69
C GLU A 11 19.75 -21.47 25.88
N PRO A 12 19.22 -20.28 26.15
CA PRO A 12 19.64 -19.10 25.37
C PRO A 12 21.12 -18.75 25.58
N THR A 13 21.82 -18.53 24.48
CA THR A 13 23.24 -18.15 24.52
C THR A 13 23.36 -16.65 24.80
N ASP A 14 24.60 -16.17 24.92
CA ASP A 14 24.85 -14.72 25.07
C ASP A 14 24.54 -14.01 23.74
N GLN A 15 24.77 -14.70 22.63
CA GLN A 15 24.50 -14.18 21.27
C GLN A 15 22.99 -14.09 21.04
N ASP A 16 22.21 -14.96 21.67
CA ASP A 16 20.76 -14.94 21.56
C ASP A 16 20.22 -13.67 22.20
N LEU A 17 20.70 -13.34 23.40
CA LEU A 17 20.19 -12.18 24.14
C LEU A 17 20.56 -10.87 23.45
N ASP A 18 21.79 -10.80 22.95
CA ASP A 18 22.27 -9.68 22.15
C ASP A 18 21.40 -9.35 20.92
N VAL A 19 21.08 -10.38 20.14
CA VAL A 19 20.19 -10.25 18.99
C VAL A 19 18.79 -9.80 19.41
N LEU A 20 18.28 -10.27 20.54
CA LEU A 20 16.95 -9.84 21.00
C LEU A 20 16.93 -8.39 21.46
N LEU A 21 18.02 -7.93 22.06
CA LEU A 21 18.08 -6.59 22.59
C LEU A 21 18.32 -5.57 21.47
N LYS A 22 19.23 -5.91 20.55
CA LYS A 22 19.68 -5.00 19.49
C LYS A 22 18.77 -5.05 18.29
N ASN A 23 18.16 -6.19 18.04
CA ASN A 23 17.40 -6.39 16.81
C ASN A 23 15.91 -6.63 17.07
N LEU A 24 15.52 -7.85 17.39
CA LEU A 24 14.14 -8.31 17.36
C LEU A 24 13.21 -7.59 18.34
N GLY A 25 13.69 -7.31 19.54
CA GLY A 25 12.91 -6.59 20.55
C GLY A 25 13.16 -5.09 20.59
N ASN A 26 13.96 -4.58 19.65
CA ASN A 26 14.48 -3.21 19.67
C ASN A 26 13.52 -2.24 18.99
N LEU A 27 12.75 -1.50 19.79
CA LEU A 27 11.78 -0.59 19.24
C LEU A 27 12.35 0.79 18.98
N VAL A 28 13.45 1.08 19.66
CA VAL A 28 14.08 2.40 19.69
C VAL A 28 14.79 2.78 18.38
N THR A 29 15.60 1.87 17.87
CA THR A 29 16.37 2.09 16.66
C THR A 29 15.49 2.37 15.42
N PRO A 30 14.48 1.55 15.13
CA PRO A 30 13.59 1.87 14.02
C PRO A 30 12.92 3.24 14.12
N MET A 31 12.65 3.75 15.33
CA MET A 31 12.11 5.10 15.44
C MET A 31 13.20 6.14 15.16
N ALA A 32 14.43 5.84 15.57
CA ALA A 32 15.57 6.72 15.24
C ALA A 32 15.78 6.83 13.74
N LEU A 33 15.64 5.71 13.03
CA LEU A 33 15.77 5.67 11.57
C LEU A 33 14.63 6.44 10.93
N ARG A 34 13.43 6.24 11.44
CA ARG A 34 12.29 7.04 10.97
C ARG A 34 12.56 8.54 11.11
N VAL A 35 13.10 8.95 12.24
CA VAL A 35 13.30 10.36 12.53
C VAL A 35 14.42 10.90 11.67
N ALA A 36 15.45 10.09 11.41
CA ALA A 36 16.56 10.48 10.54
C ALA A 36 16.08 10.68 9.11
N ALA A 37 15.24 9.77 8.60
CA ALA A 37 14.65 9.93 7.28
C ALA A 37 13.82 11.21 7.21
N THR A 38 12.94 11.41 8.20
CA THR A 38 12.01 12.53 8.20
C THR A 38 12.72 13.89 8.19
N LEU A 39 13.83 13.94 8.92
CA LEU A 39 14.62 15.16 9.05
C LEU A 39 15.57 15.34 7.86
N ARG A 40 15.68 14.33 7.00
CA ARG A 40 16.54 14.38 5.80
C ARG A 40 17.97 14.61 6.21
N LEU A 41 18.32 14.00 7.33
CA LEU A 41 19.61 14.11 7.94
C LEU A 41 20.71 13.74 6.97
N VAL A 42 20.54 12.62 6.29
CA VAL A 42 21.55 12.13 5.38
C VAL A 42 21.75 13.12 4.27
N ASP A 43 20.66 13.67 3.73
CA ASP A 43 20.76 14.70 2.66
C ASP A 43 21.43 15.95 3.15
N HIS A 44 21.14 16.37 4.37
CA HIS A 44 21.72 17.60 4.88
C HIS A 44 23.23 17.45 5.12
N LEU A 45 23.71 16.24 5.43
CA LEU A 45 25.15 16.03 5.61
C LEU A 45 25.88 16.04 4.26
N LEU A 46 25.24 15.45 3.26
CA LEU A 46 25.79 15.39 1.93
C LEU A 46 25.80 16.76 1.25
N ALA A 47 24.93 17.65 1.70
CA ALA A 47 24.82 19.01 1.19
C ALA A 47 25.79 19.98 1.86
N GLY A 48 26.67 19.47 2.74
CA GLY A 48 27.73 20.27 3.32
C GLY A 48 27.79 20.24 4.84
N ALA A 49 26.65 20.04 5.50
CA ALA A 49 26.60 19.97 6.96
C ALA A 49 27.47 18.82 7.47
N ASP A 50 28.29 19.10 8.47
CA ASP A 50 29.16 18.06 9.05
C ASP A 50 29.46 18.28 10.55
N THR A 51 28.69 19.16 11.18
CA THR A 51 28.76 19.38 12.62
C THR A 51 27.35 19.23 13.18
N LEU A 52 27.23 18.72 14.40
CA LEU A 52 25.93 18.59 15.05
C LEU A 52 25.09 19.89 15.01
N ALA A 53 25.75 21.03 15.24
CA ALA A 53 25.01 22.31 15.33
C ALA A 53 24.70 22.86 13.94
N GLY A 54 25.49 22.47 12.95
CA GLY A 54 25.11 22.71 11.57
C GLY A 54 23.81 22.01 11.26
N LEU A 55 23.82 20.68 11.41
CA LEU A 55 22.65 19.81 11.26
C LEU A 55 21.40 20.29 12.05
N ALA A 56 21.61 20.71 13.30
CA ALA A 56 20.50 21.15 14.14
C ALA A 56 19.94 22.44 13.59
N ASP A 57 20.83 23.30 13.15
CA ASP A 57 20.49 24.55 12.46
C ASP A 57 19.60 24.25 11.24
N ARG A 58 20.04 23.34 10.38
CA ARG A 58 19.28 22.99 9.17
C ARG A 58 17.93 22.30 9.46
N THR A 59 17.83 21.57 10.57
CA THR A 59 16.62 20.77 10.83
C THR A 59 15.65 21.36 11.84
N ASP A 60 15.97 22.53 12.41
CA ASP A 60 15.19 23.12 13.52
C ASP A 60 14.92 22.12 14.65
N THR A 61 15.98 21.42 15.07
CA THR A 61 15.90 20.46 16.17
C THR A 61 16.71 20.94 17.35
N HIS A 62 16.39 20.39 18.51
CA HIS A 62 17.11 20.61 19.75
C HIS A 62 18.52 20.04 19.59
N PRO A 63 19.53 20.90 19.62
CA PRO A 63 20.91 20.47 19.44
C PRO A 63 21.30 19.30 20.32
N GLN A 64 21.07 19.39 21.62
CA GLN A 64 21.45 18.32 22.54
C GLN A 64 20.73 17.01 22.23
N ALA A 65 19.43 17.08 21.96
CA ALA A 65 18.66 15.89 21.65
C ALA A 65 19.09 15.29 20.30
N LEU A 66 19.44 16.11 19.33
CA LEU A 66 19.95 15.63 18.06
C LEU A 66 21.25 14.90 18.24
N SER A 67 22.12 15.44 19.09
CA SER A 67 23.42 14.85 19.38
C SER A 67 23.19 13.44 19.86
N ARG A 68 22.20 13.31 20.71
CA ARG A 68 21.87 12.04 21.32
C ARG A 68 21.27 11.05 20.35
N LEU A 69 20.52 11.53 19.37
CA LEU A 69 19.99 10.70 18.27
C LEU A 69 21.11 10.30 17.31
N VAL A 70 22.03 11.23 17.06
CA VAL A 70 23.15 11.01 16.18
C VAL A 70 24.12 10.01 16.82
N ARG A 71 24.44 10.21 18.10
CA ARG A 71 25.21 9.23 18.86
C ARG A 71 24.69 7.85 18.53
N HIS A 72 23.40 7.66 18.71
CA HIS A 72 22.80 6.35 18.53
C HIS A 72 22.87 5.86 17.09
N LEU A 73 22.57 6.76 16.14
CA LEU A 73 22.67 6.39 14.73
C LEU A 73 24.10 6.01 14.34
N THR A 74 25.09 6.51 15.07
CA THR A 74 26.50 6.24 14.81
C THR A 74 26.88 4.84 15.28
N VAL A 75 26.60 4.55 16.55
CA VAL A 75 26.66 3.17 17.08
C VAL A 75 26.04 2.12 16.14
N VAL A 76 24.83 2.38 15.66
CA VAL A 76 24.11 1.37 14.90
C VAL A 76 24.45 1.37 13.41
N GLY A 77 25.41 2.22 13.01
CA GLY A 77 26.03 2.09 11.69
C GLY A 77 25.37 2.87 10.57
N VAL A 78 24.50 3.81 10.90
CA VAL A 78 23.86 4.70 9.92
C VAL A 78 24.72 5.93 9.66
N LEU A 79 25.26 6.52 10.72
CA LEU A 79 26.25 7.60 10.60
C LEU A 79 27.63 7.17 11.14
N GLU A 80 28.67 7.89 10.69
CA GLU A 80 29.99 7.87 11.33
C GLU A 80 30.55 9.28 11.54
N GLY A 81 31.64 9.38 12.30
CA GLY A 81 32.30 10.66 12.54
C GLY A 81 31.80 11.43 13.74
N GLY A 82 32.33 12.64 13.90
CA GLY A 82 32.05 13.49 15.05
C GLY A 82 32.75 12.96 16.29
N GLU A 83 34.06 12.72 16.16
CA GLU A 83 34.83 11.99 17.19
C GLU A 83 34.95 12.70 18.54
N LYS A 84 34.43 13.92 18.67
CA LYS A 84 34.40 14.67 19.93
C LYS A 84 35.82 14.89 20.45
N GLY A 86 37.59 14.61 16.50
CA GLY A 86 37.32 15.87 15.82
C GLY A 86 36.77 15.71 14.41
N ARG A 87 36.57 14.46 13.98
CA ARG A 87 36.12 14.13 12.61
C ARG A 87 34.78 14.76 12.18
N PRO A 88 34.51 14.75 10.87
CA PRO A 88 33.24 15.24 10.34
C PRO A 88 32.13 14.17 10.34
N LEU A 89 30.96 14.54 10.84
CA LEU A 89 29.75 13.73 10.78
C LEU A 89 29.34 13.40 9.34
N ARG A 90 29.00 12.14 9.09
CA ARG A 90 28.86 11.63 7.73
C ARG A 90 27.97 10.38 7.68
N PRO A 91 27.30 10.12 6.56
CA PRO A 91 26.64 8.82 6.36
C PRO A 91 27.61 7.68 6.07
N THR A 92 27.30 6.50 6.59
CA THR A 92 28.00 5.28 6.22
C THR A 92 27.47 4.79 4.88
N ARG A 93 28.07 3.70 4.40
CA ARG A 93 27.62 2.97 3.22
C ARG A 93 26.15 2.59 3.41
N LEU A 94 25.83 1.96 4.54
CA LEU A 94 24.44 1.65 4.93
C LEU A 94 23.56 2.90 4.89
N GLY A 95 24.01 3.95 5.59
CA GLY A 95 23.26 5.18 5.75
C GLY A 95 22.87 5.91 4.47
N MET A 96 23.63 5.72 3.40
CA MET A 96 23.31 6.31 2.11
C MET A 96 21.98 5.79 1.54
N LEU A 97 21.39 4.82 2.22
CA LEU A 97 20.08 4.32 1.85
C LEU A 97 19.02 5.39 2.13
N LEU A 98 19.26 6.24 3.12
CA LEU A 98 18.38 7.36 3.43
C LEU A 98 18.57 8.64 2.56
N ALA A 99 19.54 8.67 1.66
CA ALA A 99 19.61 9.78 0.67
C ALA A 99 18.35 9.78 -0.20
N ASP A 100 17.98 10.96 -0.67
CA ASP A 100 16.71 11.14 -1.34
C ASP A 100 16.61 10.36 -2.63
N GLY A 101 17.65 10.39 -3.44
CA GLY A 101 17.60 9.73 -4.74
C GLY A 101 17.86 8.24 -4.79
N HIS A 102 18.12 7.59 -3.65
CA HIS A 102 18.45 6.15 -3.72
C HIS A 102 17.23 5.36 -4.26
N PRO A 103 17.44 4.50 -5.26
CA PRO A 103 16.33 3.80 -5.95
C PRO A 103 15.45 2.93 -5.05
N ALA A 104 15.97 2.47 -3.91
CA ALA A 104 15.19 1.66 -2.97
C ALA A 104 14.21 2.52 -2.17
N GLN A 105 14.36 3.84 -2.25
CA GLN A 105 13.40 4.80 -1.71
C GLN A 105 13.19 4.68 -0.21
N GLN A 106 14.23 4.27 0.52
CA GLN A 106 14.05 3.97 1.92
C GLN A 106 13.78 5.24 2.74
N ARG A 107 14.29 6.36 2.28
CA ARG A 107 14.00 7.62 2.93
C ARG A 107 12.51 7.83 2.93
N ALA A 108 11.86 7.61 1.79
CA ALA A 108 10.41 7.80 1.68
C ALA A 108 9.58 6.76 2.45
N TRP A 109 10.09 5.52 2.56
CA TRP A 109 9.43 4.47 3.32
C TRP A 109 9.37 4.81 4.78
N LEU A 110 10.49 5.32 5.28
CA LEU A 110 10.65 5.66 6.69
C LEU A 110 10.09 7.05 7.05
N ASP A 111 9.79 7.85 6.05
CA ASP A 111 9.36 9.23 6.25
C ASP A 111 7.98 9.28 6.96
N LEU A 112 7.99 9.96 8.11
CA LEU A 112 6.87 10.00 9.03
C LEU A 112 5.74 10.89 8.51
N ASN A 113 6.10 11.80 7.60
CA ASN A 113 5.14 12.52 6.78
C ASN A 113 4.42 11.60 5.84
N GLY A 114 5.11 10.58 5.37
CA GLY A 114 4.55 9.57 4.48
C GLY A 114 3.60 8.58 5.13
N ALA A 115 2.84 7.88 4.29
CA ALA A 115 1.72 7.06 4.76
C ALA A 115 2.13 5.80 5.49
N VAL A 116 3.10 5.08 4.93
CA VAL A 116 3.56 3.78 5.45
C VAL A 116 4.19 3.96 6.84
N SER A 117 5.13 4.89 6.97
CA SER A 117 5.73 5.14 8.28
C SER A 117 4.70 5.63 9.29
N HIS A 118 3.85 6.58 8.89
CA HIS A 118 2.76 7.09 9.73
C HIS A 118 1.87 5.95 10.24
N ALA A 119 1.49 5.03 9.34
CA ALA A 119 0.69 3.87 9.73
C ALA A 119 1.44 2.87 10.59
N ASP A 120 2.76 2.79 10.43
CA ASP A 120 3.58 1.84 11.16
C ASP A 120 3.55 2.13 12.65
N LEU A 121 3.34 3.41 12.99
CA LEU A 121 3.21 3.84 14.36
C LEU A 121 2.04 3.15 15.08
N ALA A 122 1.00 2.80 14.30
CA ALA A 122 -0.16 2.07 14.80
C ALA A 122 0.21 0.71 15.33
N PHE A 123 1.42 0.24 15.05
CA PHE A 123 1.87 -1.06 15.55
C PHE A 123 1.97 -1.05 17.07
N THR A 124 2.00 0.12 17.68
CA THR A 124 1.90 0.20 19.13
C THR A 124 0.62 -0.43 19.66
N GLY A 125 -0.42 -0.55 18.84
CA GLY A 125 -1.68 -1.16 19.27
C GLY A 125 -1.82 -2.60 18.82
N LEU A 126 -0.72 -3.27 18.54
CA LEU A 126 -0.69 -4.64 18.01
C LEU A 126 -1.26 -5.66 18.99
N LEU A 127 -1.16 -5.39 20.29
CA LEU A 127 -1.75 -6.28 21.28
C LEU A 127 -3.22 -6.44 20.99
N ASP A 128 -3.85 -5.31 20.73
CA ASP A 128 -5.28 -5.26 20.50
C ASP A 128 -5.62 -5.94 19.18
N VAL A 129 -4.74 -5.76 18.21
CA VAL A 129 -4.88 -6.34 16.88
C VAL A 129 -4.84 -7.88 16.95
N VAL A 130 -4.01 -8.45 17.82
CA VAL A 130 -3.95 -9.90 17.95
C VAL A 130 -5.16 -10.40 18.75
N ARG A 131 -5.62 -9.59 19.70
CA ARG A 131 -6.77 -9.95 20.54
C ARG A 131 -8.09 -9.94 19.77
N THR A 132 -8.34 -8.89 19.00
CA THR A 132 -9.63 -8.65 18.36
C THR A 132 -9.63 -8.96 16.87
N GLY A 133 -8.45 -9.03 16.25
CA GLY A 133 -8.36 -9.12 14.80
C GLY A 133 -8.74 -7.85 14.05
N ARG A 134 -8.85 -6.74 14.78
CA ARG A 134 -9.21 -5.47 14.18
C ARG A 134 -7.98 -4.58 13.98
N PRO A 135 -8.04 -3.71 12.97
CA PRO A 135 -6.93 -2.80 12.68
C PRO A 135 -6.77 -1.69 13.72
N ALA A 136 -5.52 -1.28 13.96
CA ALA A 136 -5.17 -0.28 14.96
C ALA A 136 -5.17 1.13 14.41
N TYR A 137 -5.16 1.27 13.09
CA TYR A 137 -5.02 2.59 12.46
C TYR A 137 -6.00 3.62 13.00
N ALA A 138 -7.29 3.26 12.99
CA ALA A 138 -8.34 4.17 13.44
C ALA A 138 -8.14 4.61 14.87
N GLY A 139 -7.83 3.65 15.75
CA GLY A 139 -7.66 3.94 17.16
C GLY A 139 -6.57 4.96 17.39
N ARG A 140 -5.55 4.96 16.53
CA ARG A 140 -4.46 5.93 16.66
C ARG A 140 -4.80 7.28 16.04
N TYR A 141 -5.43 7.30 14.87
CA TYR A 141 -5.55 8.55 14.08
C TYR A 141 -6.97 9.17 13.96
N GLY A 142 -8.01 8.42 14.34
CA GLY A 142 -9.37 8.93 14.41
C GLY A 142 -10.27 8.48 13.27
N ARG A 143 -9.69 8.11 12.12
CA ARG A 143 -10.45 7.48 11.02
C ARG A 143 -9.67 6.30 10.44
N PRO A 144 -10.37 5.35 9.82
CA PRO A 144 -9.70 4.22 9.17
C PRO A 144 -8.80 4.65 7.99
N PHE A 145 -7.89 3.76 7.63
CA PHE A 145 -6.76 4.05 6.75
C PHE A 145 -7.16 4.71 5.39
N TRP A 146 -8.10 4.08 4.67
CA TRP A 146 -8.54 4.61 3.38
C TRP A 146 -9.32 5.91 3.49
N GLU A 147 -10.12 6.05 4.54
CA GLU A 147 -10.79 7.32 4.79
C GLU A 147 -9.73 8.40 5.08
N ASP A 148 -8.71 8.03 5.84
CA ASP A 148 -7.63 8.98 6.16
C ASP A 148 -6.90 9.42 4.89
N LEU A 149 -6.53 8.46 4.03
CA LEU A 149 -5.85 8.78 2.78
C LEU A 149 -6.71 9.62 1.82
N SER A 150 -7.99 9.28 1.71
CA SER A 150 -8.95 10.02 0.89
C SER A 150 -8.93 11.52 1.14
N ALA A 151 -8.89 11.90 2.41
CA ALA A 151 -9.03 13.29 2.84
C ALA A 151 -7.67 14.04 2.92
N ASP A 152 -6.58 13.29 2.97
CA ASP A 152 -5.23 13.87 3.12
C ASP A 152 -4.35 13.45 1.94
N VAL A 153 -4.22 14.35 0.99
CA VAL A 153 -3.60 14.03 -0.28
C VAL A 153 -2.13 13.65 -0.15
N ALA A 154 -1.42 14.23 0.82
CA ALA A 154 0.00 13.95 1.01
C ALA A 154 0.22 12.50 1.44
N LEU A 155 -0.67 12.01 2.29
CA LEU A 155 -0.65 10.62 2.69
C LEU A 155 -0.97 9.71 1.50
N ALA A 156 -1.94 10.09 0.65
CA ALA A 156 -2.39 9.20 -0.42
C ALA A 156 -1.34 9.14 -1.51
N ASP A 157 -0.73 10.26 -1.82
CA ASP A 157 0.31 10.28 -2.84
C ASP A 157 1.60 9.66 -2.37
N SER A 158 1.93 9.80 -1.09
CA SER A 158 3.13 9.12 -0.55
C SER A 158 2.91 7.60 -0.49
N PHE A 159 1.68 7.18 -0.22
CA PHE A 159 1.35 5.75 -0.24
C PHE A 159 1.45 5.17 -1.65
N ASP A 160 0.78 5.82 -2.59
CA ASP A 160 0.82 5.40 -3.99
C ASP A 160 2.24 5.34 -4.60
N ALA A 161 3.08 6.32 -4.27
CA ALA A 161 4.38 6.45 -4.92
C ALA A 161 5.26 5.25 -4.66
N LEU A 162 5.03 4.60 -3.53
CA LEU A 162 5.82 3.47 -3.09
C LEU A 162 5.31 2.15 -3.67
N MET A 163 4.05 2.13 -4.10
CA MET A 163 3.43 0.97 -4.78
C MET A 163 3.80 0.89 -6.27
N SER A 164 4.28 -0.29 -6.67
CA SER A 164 4.57 -0.60 -8.07
C SER A 164 3.34 -0.54 -9.00
N CYS A 165 2.14 -0.60 -8.41
CA CYS A 165 0.89 -0.44 -9.18
C CYS A 165 0.70 0.98 -9.71
N ASP A 166 1.34 1.95 -9.03
CA ASP A 166 1.36 3.36 -9.45
C ASP A 166 2.11 3.62 -10.76
N GLU A 167 2.99 2.71 -11.16
CA GLU A 167 3.85 2.93 -12.33
C GLU A 167 3.06 2.93 -13.65
N ASP A 168 3.72 3.40 -14.71
CA ASP A 168 3.06 3.81 -15.94
C ASP A 168 2.32 2.69 -16.67
N LEU A 169 3.01 1.57 -16.83
CA LEU A 169 2.53 0.42 -17.62
C LEU A 169 2.17 -0.76 -16.70
N ALA A 170 1.80 -0.45 -15.47
CA ALA A 170 1.65 -1.46 -14.43
C ALA A 170 0.45 -2.37 -14.69
N TYR A 171 -0.56 -1.84 -15.37
CA TYR A 171 -1.79 -2.58 -15.65
C TYR A 171 -1.84 -3.17 -17.05
N GLU A 172 -0.77 -3.03 -17.84
CA GLU A 172 -0.77 -3.51 -19.22
C GLU A 172 -0.91 -5.04 -19.31
N ALA A 173 -0.16 -5.76 -18.47
CA ALA A 173 -0.18 -7.22 -18.47
C ALA A 173 -1.51 -7.87 -18.04
N PRO A 174 -2.08 -7.50 -16.89
CA PRO A 174 -3.41 -8.02 -16.54
C PRO A 174 -4.49 -7.66 -17.56
N ALA A 175 -4.41 -6.44 -18.07
CA ALA A 175 -5.32 -5.98 -19.12
C ALA A 175 -5.19 -6.83 -20.40
N ASP A 176 -4.01 -7.42 -20.61
CA ASP A 176 -3.72 -8.28 -21.79
C ASP A 176 -4.16 -9.73 -21.59
N ALA A 177 -4.18 -10.16 -20.33
CA ALA A 177 -4.57 -11.51 -19.96
C ALA A 177 -6.09 -11.78 -19.98
N TYR A 178 -6.92 -10.82 -20.41
CA TYR A 178 -8.37 -10.98 -20.43
C TYR A 178 -9.02 -10.34 -21.66
N ASP A 179 -9.82 -11.13 -22.38
CA ASP A 179 -10.57 -10.68 -23.56
C ASP A 179 -11.76 -9.76 -23.21
N TRP A 180 -11.57 -8.45 -23.45
CA TRP A 180 -12.55 -7.39 -23.18
C TRP A 180 -13.42 -7.01 -24.38
N SER A 181 -13.35 -7.80 -25.44
CA SER A 181 -13.85 -7.35 -26.73
C SER A 181 -15.37 -7.33 -26.80
N ALA A 182 -16.05 -8.18 -26.02
CA ALA A 182 -17.49 -8.26 -26.01
C ALA A 182 -18.09 -7.68 -24.74
N VAL A 183 -17.25 -7.27 -23.80
CA VAL A 183 -17.74 -6.67 -22.56
C VAL A 183 -18.29 -5.25 -22.76
N ARG A 184 -19.56 -5.05 -22.40
CA ARG A 184 -20.23 -3.75 -22.56
C ARG A 184 -19.97 -2.72 -21.47
N HIS A 185 -19.93 -3.17 -20.21
CA HIS A 185 -19.92 -2.27 -19.05
C HIS A 185 -19.14 -2.89 -17.90
N VAL A 186 -18.05 -2.24 -17.50
CA VAL A 186 -17.26 -2.61 -16.32
C VAL A 186 -17.61 -1.69 -15.15
N LEU A 187 -17.97 -2.29 -14.02
CA LEU A 187 -18.14 -1.57 -12.77
C LEU A 187 -16.88 -1.87 -11.99
N ASP A 188 -16.11 -0.83 -11.71
CA ASP A 188 -14.79 -0.96 -11.15
C ASP A 188 -14.92 -0.53 -9.68
N VAL A 189 -15.12 -1.51 -8.80
CA VAL A 189 -15.43 -1.21 -7.40
C VAL A 189 -14.14 -0.96 -6.63
N GLY A 190 -13.96 0.26 -6.17
CA GLY A 190 -12.73 0.66 -5.49
C GLY A 190 -11.56 0.81 -6.45
N GLY A 191 -11.80 1.45 -7.59
CA GLY A 191 -10.87 1.45 -8.69
C GLY A 191 -9.65 2.33 -8.51
N GLY A 192 -9.61 3.07 -7.41
CA GLY A 192 -8.50 3.96 -7.10
C GLY A 192 -8.46 5.06 -8.12
N ASN A 193 -7.29 5.35 -8.67
CA ASN A 193 -7.17 6.38 -9.69
C ASN A 193 -7.45 5.90 -11.10
N GLY A 194 -7.79 4.62 -11.25
CA GLY A 194 -8.36 4.11 -12.48
C GLY A 194 -7.41 3.38 -13.44
N GLY A 195 -6.19 3.08 -12.99
CA GLY A 195 -5.19 2.40 -13.79
C GLY A 195 -5.70 1.24 -14.63
N MET A 196 -6.21 0.21 -13.98
CA MET A 196 -6.78 -0.96 -14.65
C MET A 196 -7.91 -0.61 -15.59
N LEU A 197 -8.79 0.29 -15.20
CA LEU A 197 -9.97 0.55 -16.02
C LEU A 197 -9.58 1.34 -17.24
N ALA A 198 -8.61 2.23 -17.09
CA ALA A 198 -8.10 3.01 -18.21
C ALA A 198 -7.42 2.10 -19.21
N ALA A 199 -6.59 1.19 -18.73
CA ALA A 199 -5.95 0.22 -19.61
C ALA A 199 -6.98 -0.71 -20.30
N ILE A 200 -8.11 -0.98 -19.63
CA ILE A 200 -9.20 -1.78 -20.20
C ILE A 200 -9.92 -0.98 -21.29
N ALA A 201 -10.33 0.23 -20.95
CA ALA A 201 -11.02 1.11 -21.89
C ALA A 201 -10.21 1.36 -23.17
N LEU A 202 -8.89 1.43 -23.06
CA LEU A 202 -8.05 1.73 -24.24
C LEU A 202 -8.00 0.56 -25.20
N ARG A 203 -8.05 -0.65 -24.64
CA ARG A 203 -8.02 -1.92 -25.38
C ARG A 203 -9.38 -2.31 -25.96
N ALA A 204 -10.45 -1.62 -25.54
CA ALA A 204 -11.81 -2.00 -25.92
C ALA A 204 -12.66 -0.75 -26.14
N PRO A 205 -12.60 -0.17 -27.34
CA PRO A 205 -13.11 1.19 -27.56
C PRO A 205 -14.61 1.41 -27.34
N HIS A 206 -15.41 0.34 -27.33
CA HIS A 206 -16.86 0.49 -27.19
C HIS A 206 -17.33 0.28 -25.77
N LEU A 207 -16.41 -0.16 -24.92
CA LEU A 207 -16.62 -0.45 -23.49
C LEU A 207 -17.01 0.80 -22.70
N ARG A 208 -17.97 0.66 -21.79
CA ARG A 208 -18.30 1.73 -20.84
C ARG A 208 -17.79 1.36 -19.44
N GLY A 209 -17.30 2.32 -18.67
CA GLY A 209 -16.89 2.06 -17.31
C GLY A 209 -17.54 2.96 -16.27
N THR A 210 -17.75 2.41 -15.08
CA THR A 210 -18.15 3.14 -13.88
C THR A 210 -17.17 2.80 -12.75
N LEU A 211 -16.44 3.80 -12.26
CA LEU A 211 -15.52 3.60 -11.14
C LEU A 211 -16.16 4.11 -9.84
N VAL A 212 -16.14 3.31 -8.79
CA VAL A 212 -16.66 3.69 -7.49
C VAL A 212 -15.51 3.91 -6.51
N GLU A 213 -15.40 5.12 -5.99
CA GLU A 213 -14.28 5.45 -5.09
C GLU A 213 -14.72 6.44 -4.00
N LEU A 214 -13.92 6.55 -2.95
CA LEU A 214 -13.95 7.70 -2.04
C LEU A 214 -13.54 8.94 -2.81
N ALA A 215 -13.67 10.10 -2.20
CA ALA A 215 -13.50 11.37 -2.88
C ALA A 215 -12.07 11.60 -3.39
N GLY A 216 -11.07 11.25 -2.59
CA GLY A 216 -9.67 11.45 -2.94
C GLY A 216 -9.31 10.78 -4.25
N PRO A 217 -9.29 9.45 -4.28
CA PRO A 217 -8.95 8.74 -5.53
C PRO A 217 -9.91 9.02 -6.69
N ALA A 218 -11.18 9.34 -6.42
CA ALA A 218 -12.15 9.62 -7.45
C ALA A 218 -11.74 10.83 -8.29
N GLU A 219 -11.27 11.88 -7.62
CA GLU A 219 -10.77 13.11 -8.24
C GLU A 219 -9.57 12.77 -9.11
N ARG A 220 -8.67 11.94 -8.62
CA ARG A 220 -7.50 11.53 -9.42
C ARG A 220 -7.86 10.67 -10.62
N ALA A 221 -8.98 9.95 -10.55
CA ALA A 221 -9.43 9.09 -11.65
C ALA A 221 -10.10 9.92 -12.71
N ARG A 222 -10.89 10.89 -12.27
CA ARG A 222 -11.49 11.86 -13.17
C ARG A 222 -10.43 12.43 -14.10
N ARG A 223 -9.27 12.75 -13.54
CA ARG A 223 -8.21 13.36 -14.30
C ARG A 223 -7.50 12.36 -15.20
N ARG A 224 -7.29 11.13 -14.72
CA ARG A 224 -6.68 10.09 -15.56
C ARG A 224 -7.58 9.85 -16.78
N PHE A 225 -8.88 9.71 -16.54
CA PHE A 225 -9.84 9.43 -17.60
C PHE A 225 -9.99 10.59 -18.59
N ALA A 226 -9.84 11.81 -18.11
CA ALA A 226 -9.84 12.99 -18.98
C ALA A 226 -8.56 13.03 -19.80
N ASP A 227 -7.43 12.80 -19.14
CA ASP A 227 -6.14 12.78 -19.83
C ASP A 227 -6.12 11.76 -20.94
N ALA A 228 -6.86 10.67 -20.73
CA ALA A 228 -6.83 9.52 -21.62
C ALA A 228 -7.86 9.57 -22.74
N GLY A 229 -8.64 10.64 -22.81
CA GLY A 229 -9.71 10.74 -23.79
C GLY A 229 -10.87 9.79 -23.58
N LEU A 230 -11.13 9.46 -22.31
CA LEU A 230 -12.10 8.44 -21.90
C LEU A 230 -13.32 8.97 -21.14
N ALA A 231 -13.40 10.27 -20.86
CA ALA A 231 -14.53 10.83 -20.08
C ALA A 231 -15.90 10.59 -20.70
N ASP A 232 -15.96 10.54 -22.03
CA ASP A 232 -17.21 10.25 -22.75
C ASP A 232 -17.90 8.90 -22.39
N ARG A 233 -17.13 7.89 -21.98
CA ARG A 233 -17.67 6.57 -21.72
C ARG A 233 -17.23 5.94 -20.39
N VAL A 234 -16.42 6.65 -19.61
CA VAL A 234 -15.96 6.15 -18.32
C VAL A 234 -16.23 7.21 -17.28
N THR A 235 -17.17 6.92 -16.38
CA THR A 235 -17.62 7.92 -15.42
C THR A 235 -17.18 7.52 -14.05
N VAL A 236 -17.02 8.55 -13.22
CA VAL A 236 -16.58 8.40 -11.84
C VAL A 236 -17.71 8.80 -10.91
N ALA A 237 -18.04 7.88 -9.98
CA ALA A 237 -19.03 8.14 -8.96
C ALA A 237 -18.42 8.00 -7.57
N GLU A 238 -18.53 9.06 -6.75
CA GLU A 238 -18.21 8.96 -5.32
C GLU A 238 -19.23 8.04 -4.68
N GLY A 239 -18.76 7.01 -4.00
CA GLY A 239 -19.66 6.05 -3.37
C GLY A 239 -18.96 5.25 -2.30
N ASP A 240 -19.74 4.44 -1.60
CA ASP A 240 -19.24 3.64 -0.49
C ASP A 240 -19.60 2.20 -0.87
N PHE A 241 -18.60 1.38 -1.18
CA PHE A 241 -18.85 0.00 -1.63
C PHE A 241 -19.33 -0.97 -0.53
N PHE A 242 -19.57 -0.43 0.67
CA PHE A 242 -20.41 -1.08 1.68
C PHE A 242 -21.91 -0.76 1.49
N LYS A 243 -22.21 0.38 0.87
CA LYS A 243 -23.57 0.66 0.45
C LYS A 243 -23.86 -0.09 -0.85
N PRO A 244 -25.13 -0.25 -1.18
CA PRO A 244 -25.50 -0.79 -2.49
C PRO A 244 -24.92 0.03 -3.62
N LEU A 245 -24.42 -0.66 -4.62
CA LEU A 245 -23.70 -0.01 -5.72
C LEU A 245 -24.69 0.70 -6.65
N PRO A 246 -24.26 1.80 -7.24
CA PRO A 246 -25.18 2.68 -7.96
C PRO A 246 -25.57 2.22 -9.36
N VAL A 247 -24.86 1.23 -9.93
CA VAL A 247 -25.23 0.67 -11.22
C VAL A 247 -24.94 -0.83 -11.30
N THR A 248 -25.47 -1.45 -12.35
CA THR A 248 -25.20 -2.84 -12.68
C THR A 248 -24.24 -2.89 -13.88
N ALA A 249 -23.68 -4.07 -14.13
CA ALA A 249 -22.66 -4.23 -15.14
C ALA A 249 -22.49 -5.70 -15.46
N ASP A 250 -22.13 -5.99 -16.71
CA ASP A 250 -21.85 -7.38 -17.11
C ASP A 250 -20.42 -7.81 -16.71
N VAL A 251 -19.62 -6.87 -16.24
CA VAL A 251 -18.39 -7.22 -15.54
C VAL A 251 -18.24 -6.31 -14.31
N VAL A 252 -18.02 -6.93 -13.15
CA VAL A 252 -17.72 -6.20 -11.93
C VAL A 252 -16.28 -6.54 -11.56
N LEU A 253 -15.50 -5.51 -11.25
CA LEU A 253 -14.05 -5.63 -11.10
C LEU A 253 -13.60 -5.17 -9.74
N LEU A 254 -12.92 -6.06 -9.03
CA LEU A 254 -12.23 -5.74 -7.80
C LEU A 254 -10.74 -5.92 -8.04
N SER A 255 -10.05 -4.81 -8.32
CA SER A 255 -8.61 -4.82 -8.59
C SER A 255 -7.80 -4.36 -7.36
N PHE A 256 -7.10 -5.32 -6.74
CA PHE A 256 -6.33 -5.12 -5.51
C PHE A 256 -7.14 -4.43 -4.48
N VAL A 257 -8.35 -4.94 -4.24
CA VAL A 257 -9.24 -4.41 -3.20
C VAL A 257 -9.46 -5.37 -2.01
N LEU A 258 -9.72 -6.62 -2.31
CA LEU A 258 -10.12 -7.62 -1.29
C LEU A 258 -9.07 -7.74 -0.19
N LEU A 259 -7.80 -7.87 -0.60
CA LEU A 259 -6.68 -8.06 0.31
C LEU A 259 -6.56 -7.00 1.42
N ASN A 260 -7.20 -5.83 1.24
CA ASN A 260 -7.29 -4.82 2.28
C ASN A 260 -8.38 -5.04 3.35
N TRP A 261 -9.16 -6.12 3.28
CA TRP A 261 -10.34 -6.20 4.15
C TRP A 261 -10.43 -7.53 4.85
N SER A 262 -11.02 -7.54 6.03
CA SER A 262 -11.17 -8.78 6.79
C SER A 262 -12.10 -9.72 6.04
N ASP A 263 -12.01 -11.01 6.36
CA ASP A 263 -12.95 -12.00 5.85
C ASP A 263 -14.38 -11.43 5.87
N GLU A 264 -14.79 -10.94 7.03
CA GLU A 264 -16.13 -10.38 7.26
C GLU A 264 -16.43 -9.26 6.25
N ASP A 265 -15.56 -8.25 6.23
CA ASP A 265 -15.73 -7.07 5.37
C ASP A 265 -15.69 -7.42 3.88
N ALA A 266 -14.72 -8.24 3.50
CA ALA A 266 -14.54 -8.63 2.14
C ALA A 266 -15.77 -9.39 1.64
N LEU A 267 -16.44 -10.06 2.57
CA LEU A 267 -17.67 -10.78 2.25
C LEU A 267 -18.87 -9.84 1.99
N THR A 268 -19.04 -8.78 2.79
CA THR A 268 -20.09 -7.79 2.49
C THR A 268 -19.80 -7.01 1.19
N ILE A 269 -18.53 -6.75 0.88
CA ILE A 269 -18.20 -6.13 -0.41
C ILE A 269 -18.60 -7.02 -1.58
N LEU A 270 -18.29 -8.30 -1.50
CA LEU A 270 -18.56 -9.24 -2.59
C LEU A 270 -20.06 -9.47 -2.86
N ARG A 271 -20.85 -9.58 -1.80
CA ARG A 271 -22.29 -9.63 -1.92
C ARG A 271 -22.84 -8.39 -2.60
N GLY A 272 -22.22 -7.25 -2.30
CA GLY A 272 -22.57 -5.99 -2.94
C GLY A 272 -22.30 -5.99 -4.44
N CYS A 273 -21.22 -6.67 -4.82
CA CYS A 273 -20.83 -6.78 -6.22
C CYS A 273 -21.72 -7.76 -6.95
N VAL A 274 -22.05 -8.88 -6.33
CA VAL A 274 -22.91 -9.91 -6.94
C VAL A 274 -24.27 -9.31 -7.25
N ARG A 275 -24.79 -8.54 -6.29
CA ARG A 275 -26.04 -7.83 -6.45
C ARG A 275 -26.02 -6.88 -7.65
N ALA A 276 -24.88 -6.23 -7.91
CA ALA A 276 -24.71 -5.35 -9.08
C ALA A 276 -24.45 -6.11 -10.39
N LEU A 277 -24.14 -7.39 -10.29
CA LEU A 277 -23.81 -8.19 -11.46
C LEU A 277 -25.05 -8.58 -12.25
N GLU A 278 -25.09 -8.14 -13.50
CA GLU A 278 -26.13 -8.54 -14.46
C GLU A 278 -26.11 -10.06 -14.75
N PRO A 279 -27.28 -10.63 -15.00
CA PRO A 279 -27.39 -12.05 -15.39
C PRO A 279 -26.37 -12.47 -16.44
N GLY A 280 -25.69 -13.58 -16.21
CA GLY A 280 -24.66 -14.06 -17.12
C GLY A 280 -23.34 -13.29 -17.10
N GLY A 281 -23.20 -12.33 -16.19
CA GLY A 281 -22.00 -11.51 -16.14
C GLY A 281 -20.86 -12.17 -15.40
N ARG A 282 -19.72 -11.50 -15.40
CA ARG A 282 -18.55 -12.01 -14.72
C ARG A 282 -18.08 -11.03 -13.63
N LEU A 283 -17.73 -11.57 -12.47
CA LEU A 283 -16.99 -10.84 -11.43
C LEU A 283 -15.49 -11.22 -11.50
N LEU A 284 -14.63 -10.23 -11.67
CA LEU A 284 -13.21 -10.48 -11.72
C LEU A 284 -12.58 -9.91 -10.46
N VAL A 285 -11.75 -10.73 -9.80
CA VAL A 285 -10.80 -10.29 -8.80
C VAL A 285 -9.42 -10.33 -9.42
N LEU A 286 -8.82 -9.17 -9.58
CA LEU A 286 -7.41 -9.04 -9.90
C LEU A 286 -6.72 -8.76 -8.59
N ASP A 287 -5.76 -9.59 -8.21
CA ASP A 287 -5.04 -9.41 -6.96
C ASP A 287 -3.67 -10.09 -7.07
N ARG A 288 -3.01 -10.33 -5.94
CA ARG A 288 -1.70 -11.01 -5.87
C ARG A 288 -0.59 -9.97 -5.83
N ALA A 296 15.32 -14.43 4.64
CA ALA A 296 15.11 -13.96 3.26
C ALA A 296 13.61 -13.89 2.94
N ASP A 297 13.16 -14.54 1.85
CA ASP A 297 11.84 -14.29 1.25
C ASP A 297 10.62 -14.37 2.20
N ARG A 298 10.65 -15.28 3.18
CA ARG A 298 9.56 -15.52 4.15
C ARG A 298 9.33 -14.23 4.95
N PHE A 299 10.39 -13.56 5.38
CA PHE A 299 10.33 -12.33 6.17
C PHE A 299 9.45 -11.23 5.55
N PHE A 300 9.69 -10.88 4.29
CA PHE A 300 8.98 -9.78 3.64
C PHE A 300 7.49 -9.99 3.48
N SER A 301 7.03 -11.22 3.25
CA SER A 301 5.58 -11.45 3.20
C SER A 301 4.94 -11.35 4.59
N THR A 302 5.63 -11.76 5.66
CA THR A 302 4.99 -11.72 6.99
C THR A 302 4.98 -10.30 7.54
N LEU A 303 5.99 -9.53 7.14
CA LEU A 303 6.01 -8.09 7.37
C LEU A 303 4.80 -7.40 6.74
N LEU A 304 4.53 -7.72 5.48
CA LEU A 304 3.46 -7.07 4.73
C LEU A 304 2.11 -7.48 5.27
N ASP A 305 1.99 -8.76 5.53
CA ASP A 305 0.83 -9.34 6.16
C ASP A 305 0.43 -8.62 7.48
N LEU A 306 1.39 -8.39 8.38
CA LEU A 306 1.09 -7.70 9.63
C LEU A 306 0.74 -6.22 9.39
N ARG A 307 1.47 -5.54 8.51
CA ARG A 307 1.06 -4.19 8.11
C ARG A 307 -0.38 -4.20 7.54
N MET A 308 -0.70 -5.20 6.77
CA MET A 308 -2.01 -5.24 6.13
C MET A 308 -3.05 -5.40 7.22
N LEU A 309 -2.73 -6.26 8.19
CA LEU A 309 -3.60 -6.51 9.33
C LEU A 309 -3.78 -5.29 10.23
N THR A 310 -2.69 -4.58 10.47
CA THR A 310 -2.66 -3.53 11.46
C THR A 310 -3.12 -2.24 10.87
N PHE A 311 -2.86 -2.04 9.58
CA PHE A 311 -3.24 -0.83 8.89
C PHE A 311 -4.74 -0.86 8.64
N MET A 312 -5.23 -1.94 8.06
CA MET A 312 -6.61 -1.97 7.54
C MET A 312 -7.44 -3.22 7.84
N GLY A 313 -6.85 -4.26 8.41
CA GLY A 313 -7.58 -5.45 8.78
C GLY A 313 -7.66 -6.46 7.67
N GLY A 314 -6.80 -6.36 6.67
CA GLY A 314 -6.84 -7.28 5.56
C GLY A 314 -5.76 -8.32 5.67
N ARG A 315 -5.68 -9.16 4.64
CA ARG A 315 -4.57 -10.11 4.53
C ARG A 315 -4.44 -10.65 3.11
N VAL A 316 -3.21 -11.03 2.76
CA VAL A 316 -2.96 -11.66 1.48
C VAL A 316 -3.62 -13.02 1.57
N ARG A 317 -4.53 -13.29 0.64
CA ARG A 317 -5.32 -14.51 0.66
C ARG A 317 -4.94 -15.34 -0.54
N THR A 318 -4.56 -16.59 -0.30
CA THR A 318 -4.30 -17.57 -1.37
C THR A 318 -5.51 -17.73 -2.30
N ARG A 319 -5.30 -18.41 -3.43
CA ARG A 319 -6.33 -18.68 -4.43
C ARG A 319 -7.52 -19.40 -3.77
N ASP A 320 -7.25 -20.48 -3.05
CA ASP A 320 -8.31 -21.31 -2.47
C ASP A 320 -9.16 -20.50 -1.48
N GLU A 321 -8.50 -19.70 -0.65
CA GLU A 321 -9.23 -18.88 0.33
C GLU A 321 -10.19 -17.91 -0.36
N VAL A 322 -9.71 -17.21 -1.39
CA VAL A 322 -10.53 -16.24 -2.12
C VAL A 322 -11.72 -16.93 -2.80
N VAL A 323 -11.54 -18.21 -3.16
CA VAL A 323 -12.57 -18.99 -3.84
C VAL A 323 -13.69 -19.46 -2.91
N ASP A 324 -13.38 -19.84 -1.67
CA ASP A 324 -14.42 -20.17 -0.69
C ASP A 324 -15.15 -18.91 -0.20
N LEU A 325 -14.36 -17.85 0.00
CA LEU A 325 -14.89 -16.53 0.30
C LEU A 325 -15.92 -16.11 -0.76
N ALA A 326 -15.54 -16.24 -2.03
CA ALA A 326 -16.44 -15.95 -3.14
C ALA A 326 -17.63 -16.88 -3.11
N GLY A 327 -17.40 -18.14 -2.74
CA GLY A 327 -18.42 -19.17 -2.59
C GLY A 327 -19.53 -18.79 -1.62
N SER A 328 -19.16 -18.16 -0.50
CA SER A 328 -20.16 -17.79 0.51
C SER A 328 -20.92 -16.50 0.14
N ALA A 329 -20.40 -15.78 -0.85
CA ALA A 329 -21.06 -14.61 -1.43
C ALA A 329 -21.97 -14.96 -2.61
N GLY A 330 -21.94 -16.22 -3.03
CA GLY A 330 -22.85 -16.72 -4.06
C GLY A 330 -22.21 -16.79 -5.43
N LEU A 331 -20.91 -17.15 -5.47
CA LEU A 331 -20.14 -17.16 -6.71
C LEU A 331 -19.37 -18.49 -6.93
N ALA A 332 -19.36 -18.96 -8.18
CA ALA A 332 -18.60 -20.15 -8.57
C ALA A 332 -17.43 -19.74 -9.44
N LEU A 333 -16.27 -20.37 -9.22
CA LEU A 333 -15.13 -20.12 -10.09
C LEU A 333 -15.40 -20.62 -11.53
N ALA A 334 -14.90 -19.85 -12.50
CA ALA A 334 -15.10 -20.13 -13.91
C ALA A 334 -13.78 -20.11 -14.68
N SER A 335 -12.81 -19.34 -14.21
CA SER A 335 -11.46 -19.44 -14.71
C SER A 335 -10.48 -18.69 -13.81
N GLU A 336 -9.26 -19.20 -13.74
CA GLU A 336 -8.14 -18.50 -13.11
C GLU A 336 -7.07 -18.27 -14.18
N ARG A 337 -6.17 -17.34 -13.93
CA ARG A 337 -5.03 -17.14 -14.82
C ARG A 337 -4.02 -16.23 -14.14
N THR A 338 -2.90 -16.80 -13.69
CA THR A 338 -1.82 -15.99 -13.13
C THR A 338 -0.71 -15.82 -14.17
N SER A 339 0.03 -14.74 -14.04
CA SER A 339 1.14 -14.45 -14.94
C SER A 339 2.10 -13.43 -14.29
N GLY A 340 3.25 -13.19 -14.91
CA GLY A 340 4.13 -12.13 -14.46
C GLY A 340 4.03 -10.91 -15.35
N SER A 341 4.51 -9.78 -14.82
CA SER A 341 4.97 -8.65 -15.64
C SER A 341 6.40 -8.31 -15.25
N THR A 342 7.09 -7.61 -16.14
CA THR A 342 8.41 -7.09 -15.81
C THR A 342 8.25 -6.09 -14.66
N THR A 343 7.18 -5.28 -14.74
CA THR A 343 7.04 -4.09 -13.92
C THR A 343 6.64 -4.38 -12.45
N LEU A 344 5.86 -5.43 -12.23
CA LEU A 344 5.36 -5.77 -10.90
C LEU A 344 6.28 -6.77 -10.18
N PRO A 345 6.83 -6.40 -9.00
CA PRO A 345 7.71 -7.31 -8.24
C PRO A 345 6.99 -8.59 -7.78
N PHE A 346 5.67 -8.63 -7.93
CA PHE A 346 4.89 -9.83 -7.67
C PHE A 346 4.15 -10.24 -8.94
N ASP A 347 3.86 -11.53 -9.04
CA ASP A 347 3.01 -12.06 -10.09
C ASP A 347 1.56 -11.66 -9.76
N PHE A 348 0.74 -11.47 -10.80
CA PHE A 348 -0.66 -11.09 -10.62
C PHE A 348 -1.57 -12.25 -11.01
N SER A 349 -2.87 -12.11 -10.70
CA SER A 349 -3.81 -13.22 -10.83
C SER A 349 -5.24 -12.69 -10.93
N ILE A 350 -5.90 -12.98 -12.06
CA ILE A 350 -7.31 -12.72 -12.27
C ILE A 350 -8.13 -13.98 -11.99
N LEU A 351 -8.98 -13.91 -10.96
CA LEU A 351 -9.99 -14.94 -10.72
C LEU A 351 -11.31 -14.46 -11.33
N GLU A 352 -12.01 -15.36 -12.03
CA GLU A 352 -13.22 -15.01 -12.78
C GLU A 352 -14.38 -15.89 -12.32
N PHE A 353 -15.42 -15.26 -11.80
CA PHE A 353 -16.54 -15.94 -11.20
C PHE A 353 -17.83 -15.62 -11.91
N THR A 354 -18.75 -16.58 -11.94
CA THR A 354 -20.15 -16.34 -12.30
C THR A 354 -20.99 -16.46 -11.05
N ALA A 355 -22.20 -15.93 -11.13
CA ALA A 355 -23.20 -16.12 -10.08
C ALA A 355 -23.63 -17.58 -10.14
N VAL A 356 -23.76 -18.23 -8.97
CA VAL A 356 -24.20 -19.63 -8.97
C VAL A 356 -25.67 -19.71 -9.37
N SER A 357 -26.47 -18.78 -8.82
CA SER A 357 -27.85 -18.59 -9.27
C SER A 357 -27.90 -17.81 -10.61
C ACT B . -8.48 0.10 -11.23
O ACT B . -9.18 -0.64 -10.48
OXT ACT B . -9.08 0.72 -12.16
CH3 ACT B . -7.02 0.27 -11.02
N SAH C . -8.51 -0.71 -7.83
CA SAH C . -7.34 -0.01 -7.32
CB SAH C . -7.26 -0.25 -5.82
CG SAH C . -6.72 0.92 -5.02
SD SAH C . -6.39 0.36 -3.33
C SAH C . -6.05 -0.55 -7.96
O SAH C . -6.07 -1.19 -9.02
OXT SAH C . -4.98 -0.38 -7.38
C5' SAH C . -8.06 0.21 -2.65
C4' SAH C . -9.05 1.37 -2.88
O4' SAH C . -10.23 1.09 -2.14
C3' SAH C . -8.59 2.75 -2.42
O3' SAH C . -8.49 3.64 -3.50
C2' SAH C . -9.67 3.22 -1.47
O2' SAH C . -9.99 4.57 -1.64
C1' SAH C . -10.85 2.32 -1.79
N9 SAH C . -11.87 2.20 -0.71
C8 SAH C . -11.68 1.88 0.60
N7 SAH C . -12.91 1.89 1.21
C5 SAH C . -13.85 2.22 0.30
C6 SAH C . -15.26 2.37 0.36
N6 SAH C . -15.96 2.22 1.48
N1 SAH C . -15.94 2.71 -0.78
C2 SAH C . -15.27 2.89 -1.99
N3 SAH C . -13.89 2.73 -2.03
C4 SAH C . -13.20 2.41 -0.91
#